data_4CBX
#
_entry.id   4CBX
#
_cell.length_a   64.248
_cell.length_b   60.908
_cell.length_c   75.518
_cell.angle_alpha   90.00
_cell.angle_beta   97.24
_cell.angle_gamma   90.00
#
_symmetry.space_group_name_H-M   'P 1 21 1'
#
loop_
_entity.id
_entity.type
_entity.pdbx_description
1 polymer ACTIN-2
2 polymer GELSOLIN
3 non-polymer "ADENOSINE-5'-TRIPHOSPHATE"
4 non-polymer 'SULFATE ION'
5 non-polymer 'SODIUM ION'
6 non-polymer 'CALCIUM ION'
7 non-polymer 'PHOSPHATE ION'
8 water water
#
loop_
_entity_poly.entity_id
_entity_poly.type
_entity_poly.pdbx_seq_one_letter_code
_entity_poly.pdbx_strand_id
1 'polypeptide(L)'
;GPMPEESIALVVDNGSGMVKSGLAGDDAPKCVFPSIIGIPKMPNIMVGMEQKECYVGDEAQNKRGILTLKYPIEHGIVTN
WDDMEKIWRHTFFNELRVSPEEHPVLLTEAPLNPKTNREKMTQIMFESFDVPAMYVSIQAILSLYASGRTTGIVLDSGDG
VTHTVPIYEGYVLPHAINRTDMAGRDLTYYMMKLFTERGYTFTTTAEREIVRDIKEKLCYIALDYDEELKKSEERTEEVE
EMYELPDGNLITVGSERFRCPEALFNPSLIGRECPGLHITAYQSIMKCDIDIRKELYNNIVLSGGTTMYNYIGERLTNEM
TSLAPPSMKIKVIAPPERKYSVWIGGSILSSLSTFQKMWITKEEYDESGPSIVHRKCF
;
A
2 'polypeptide(L)'
;GPMVVEHPEFLKAGKEPGLQIWRVEKFDLVPVPPNLYGDFFTGDAYVILKTVQLRNGNLQYDLHYWLGNECSQDESGAAA
IFTVQLDDYLNGRAVQHREVQGFESSTFSGYFKSGLKYKKGGVASGF
;
G
#
loop_
_chem_comp.id
_chem_comp.type
_chem_comp.name
_chem_comp.formula
ATP non-polymer ADENOSINE-5'-TRIPHOSPHATE 'C10 H16 N5 O13 P3'
CA non-polymer 'CALCIUM ION' 'Ca 2'
NA non-polymer 'SODIUM ION' 'Na 1'
PO4 non-polymer 'PHOSPHATE ION' 'O4 P -3'
SO4 non-polymer 'SULFATE ION' 'O4 S -2'
#
# COMPACT_ATOMS: atom_id res chain seq x y z
N SER A 7 -8.83 -19.37 7.75
CA SER A 7 -8.54 -20.23 6.62
C SER A 7 -9.83 -20.73 5.96
N ILE A 8 -10.08 -20.29 4.73
CA ILE A 8 -9.20 -19.35 4.04
C ILE A 8 -9.73 -17.92 4.14
N ALA A 9 -8.86 -17.02 4.59
CA ALA A 9 -9.25 -15.62 4.80
C ALA A 9 -9.52 -14.90 3.49
N LEU A 10 -10.53 -14.04 3.49
CA LEU A 10 -10.82 -13.18 2.35
C LEU A 10 -10.16 -11.83 2.55
N VAL A 11 -9.48 -11.34 1.52
CA VAL A 11 -8.86 -10.03 1.58
C VAL A 11 -9.59 -9.03 0.70
N VAL A 12 -10.10 -7.96 1.31
CA VAL A 12 -10.84 -6.94 0.57
C VAL A 12 -10.25 -5.55 0.80
N ASP A 13 -9.70 -4.97 -0.27
CA ASP A 13 -9.17 -3.62 -0.21
C ASP A 13 -10.13 -2.65 -0.89
N ASN A 14 -10.90 -1.92 -0.09
CA ASN A 14 -11.90 -0.99 -0.62
C ASN A 14 -11.34 0.39 -0.88
N GLY A 15 -11.42 0.84 -2.13
CA GLY A 15 -10.92 2.14 -2.52
C GLY A 15 -12.02 3.07 -2.99
N SER A 16 -11.65 4.32 -3.25
CA SER A 16 -12.61 5.33 -3.69
C SER A 16 -13.16 5.01 -5.08
N GLY A 17 -12.33 4.40 -5.91
CA GLY A 17 -12.71 4.10 -7.28
C GLY A 17 -12.71 2.62 -7.63
N MET A 18 -11.82 1.86 -7.01
CA MET A 18 -11.66 0.44 -7.34
C MET A 18 -11.72 -0.46 -6.11
N VAL A 19 -12.27 -1.66 -6.29
CA VAL A 19 -12.30 -2.68 -5.25
C VAL A 19 -11.30 -3.77 -5.57
N LYS A 20 -10.38 -4.01 -4.65
CA LYS A 20 -9.41 -5.09 -4.80
C LYS A 20 -9.75 -6.24 -3.86
N SER A 21 -10.14 -7.38 -4.42
CA SER A 21 -10.58 -8.52 -3.62
C SER A 21 -9.93 -9.82 -4.07
N GLY A 22 -9.80 -10.76 -3.14
CA GLY A 22 -9.20 -12.05 -3.44
C GLY A 22 -9.08 -12.94 -2.23
N LEU A 23 -8.22 -13.96 -2.33
CA LEU A 23 -8.05 -14.93 -1.26
C LEU A 23 -6.67 -14.83 -0.63
N ALA A 24 -6.60 -15.04 0.69
CA ALA A 24 -5.33 -14.98 1.40
C ALA A 24 -4.39 -16.08 0.93
N GLY A 25 -3.18 -15.69 0.56
CA GLY A 25 -2.17 -16.63 0.10
C GLY A 25 -1.98 -16.60 -1.40
N ASP A 26 -2.72 -15.72 -2.07
CA ASP A 26 -2.61 -15.55 -3.51
C ASP A 26 -1.58 -14.51 -3.90
N ASP A 27 -1.10 -14.59 -5.14
CA ASP A 27 -0.14 -13.63 -5.67
C ASP A 27 -0.76 -12.25 -5.82
N ALA A 28 -2.03 -12.23 -6.21
CA ALA A 28 -2.71 -10.98 -6.56
C ALA A 28 -4.20 -11.10 -6.34
N PRO A 29 -4.92 -9.97 -6.29
CA PRO A 29 -6.38 -10.04 -6.20
C PRO A 29 -6.98 -10.61 -7.49
N LYS A 30 -7.86 -11.60 -7.36
CA LYS A 30 -8.44 -12.26 -8.51
C LYS A 30 -9.63 -11.49 -9.08
N CYS A 31 -10.22 -10.62 -8.26
CA CYS A 31 -11.38 -9.85 -8.69
C CYS A 31 -11.18 -8.36 -8.43
N VAL A 32 -10.88 -7.61 -9.48
CA VAL A 32 -10.70 -6.17 -9.37
C VAL A 32 -11.75 -5.43 -10.20
N PHE A 33 -12.64 -4.72 -9.51
CA PHE A 33 -13.75 -4.04 -10.16
C PHE A 33 -14.00 -2.67 -9.53
N PRO A 34 -14.63 -1.75 -10.28
CA PRO A 34 -14.90 -0.40 -9.78
C PRO A 34 -15.88 -0.36 -8.60
N SER A 35 -15.66 0.56 -7.67
N SER A 35 -15.64 0.57 -7.68
CA SER A 35 -16.54 0.71 -6.52
CA SER A 35 -16.49 0.74 -6.50
C SER A 35 -17.70 1.66 -6.83
C SER A 35 -17.67 1.65 -6.83
N ILE A 36 -18.59 1.22 -7.72
N ILE A 36 -18.56 1.18 -7.70
CA ILE A 36 -19.68 2.06 -8.18
CA ILE A 36 -19.69 2.01 -8.13
C ILE A 36 -21.05 1.37 -8.08
C ILE A 36 -21.03 1.32 -7.92
N ILE A 37 -22.06 2.14 -7.69
CA ILE A 37 -23.44 1.66 -7.67
C ILE A 37 -24.19 2.37 -8.80
N GLY A 38 -24.95 1.62 -9.57
CA GLY A 38 -25.67 2.17 -10.71
C GLY A 38 -27.16 2.32 -10.46
N ILE A 39 -27.61 3.57 -10.38
CA ILE A 39 -29.02 3.86 -10.09
C ILE A 39 -29.78 4.33 -11.33
N PRO A 40 -30.77 3.54 -11.77
CA PRO A 40 -31.58 3.87 -12.95
C PRO A 40 -32.43 5.12 -12.73
N LYS A 52 -32.19 -0.99 -2.48
CA LYS A 52 -31.92 -0.08 -3.58
C LYS A 52 -30.66 -0.49 -4.35
N GLU A 53 -30.10 0.49 -5.06
CA GLU A 53 -28.85 0.43 -5.86
C GLU A 53 -29.03 0.49 -7.41
N CYS A 54 -29.12 -0.61 -8.19
CA CYS A 54 -29.00 -2.01 -7.83
C CYS A 54 -27.78 -2.63 -8.51
N TYR A 55 -27.42 -2.08 -9.67
CA TYR A 55 -26.27 -2.56 -10.43
C TYR A 55 -24.94 -2.20 -9.76
N VAL A 56 -24.12 -3.21 -9.51
CA VAL A 56 -22.84 -3.01 -8.83
C VAL A 56 -21.67 -3.56 -9.64
N GLY A 57 -20.62 -2.75 -9.79
CA GLY A 57 -19.41 -3.21 -10.46
C GLY A 57 -19.34 -2.81 -11.91
N ASP A 58 -18.74 -3.67 -12.73
CA ASP A 58 -18.57 -3.40 -14.16
C ASP A 58 -19.91 -3.34 -14.88
N GLU A 59 -20.91 -4.04 -14.36
CA GLU A 59 -22.24 -4.06 -14.97
C GLU A 59 -22.93 -2.70 -14.84
N ALA A 60 -22.46 -1.88 -13.92
CA ALA A 60 -22.98 -0.53 -13.75
C ALA A 60 -22.18 0.45 -14.61
N GLN A 61 -21.19 -0.08 -15.34
CA GLN A 61 -20.36 0.74 -16.20
C GLN A 61 -20.78 0.54 -17.66
N ASN A 62 -21.27 -0.67 -17.97
CA ASN A 62 -21.70 -1.01 -19.31
C ASN A 62 -23.12 -0.51 -19.60
N LYS A 63 -24.02 -0.73 -18.65
CA LYS A 63 -25.39 -0.24 -18.76
C LYS A 63 -25.51 1.12 -18.10
N ARG A 64 -24.43 1.89 -18.12
CA ARG A 64 -24.37 3.19 -17.45
C ARG A 64 -25.20 4.25 -18.16
N GLY A 65 -25.61 3.96 -19.39
CA GLY A 65 -26.41 4.90 -20.17
C GLY A 65 -27.81 5.08 -19.62
N ILE A 66 -28.26 4.13 -18.80
CA ILE A 66 -29.60 4.18 -18.22
C ILE A 66 -29.56 4.50 -16.73
N LEU A 67 -28.36 4.50 -16.16
CA LEU A 67 -28.21 4.70 -14.71
C LEU A 67 -27.41 5.95 -14.38
N THR A 68 -27.43 6.32 -13.10
CA THR A 68 -26.54 7.35 -12.57
C THR A 68 -25.60 6.71 -11.56
N LEU A 69 -24.34 7.12 -11.58
CA LEU A 69 -23.31 6.46 -10.77
C LEU A 69 -23.23 7.00 -9.34
N LYS A 70 -23.04 6.09 -8.39
CA LYS A 70 -22.91 6.46 -6.99
C LYS A 70 -21.66 5.83 -6.38
N TYR A 71 -20.89 6.65 -5.66
CA TYR A 71 -19.66 6.19 -5.02
C TYR A 71 -19.79 6.19 -3.51
N PRO A 72 -19.87 5.00 -2.89
CA PRO A 72 -20.02 4.87 -1.44
C PRO A 72 -18.78 5.35 -0.69
N ILE A 73 -17.63 5.38 -1.35
CA ILE A 73 -16.40 5.86 -0.74
C ILE A 73 -15.87 7.11 -1.43
N GLU A 74 -15.68 8.17 -0.66
CA GLU A 74 -15.18 9.43 -1.19
C GLU A 74 -13.92 9.86 -0.45
N HIS A 75 -12.86 10.11 -1.21
CA HIS A 75 -11.55 10.49 -0.65
C HIS A 75 -11.04 9.46 0.36
N GLY A 76 -11.36 8.18 0.11
CA GLY A 76 -10.89 7.10 0.96
C GLY A 76 -11.79 6.82 2.16
N ILE A 77 -12.85 7.60 2.29
CA ILE A 77 -13.75 7.47 3.43
C ILE A 77 -15.17 7.09 3.01
N VAL A 78 -15.75 6.10 3.69
CA VAL A 78 -17.12 5.69 3.43
C VAL A 78 -18.11 6.77 3.84
N THR A 79 -18.95 7.18 2.90
CA THR A 79 -19.95 8.22 3.15
C THR A 79 -21.38 7.68 3.03
N ASN A 80 -21.50 6.50 2.44
CA ASN A 80 -22.79 5.82 2.34
C ASN A 80 -22.65 4.35 2.72
N TRP A 81 -23.15 4.01 3.91
CA TRP A 81 -22.97 2.66 4.43
C TRP A 81 -23.93 1.64 3.82
N ASP A 82 -25.04 2.12 3.26
CA ASP A 82 -25.99 1.24 2.60
C ASP A 82 -25.42 0.76 1.27
N ASP A 83 -24.86 1.69 0.51
CA ASP A 83 -24.23 1.38 -0.77
C ASP A 83 -22.95 0.58 -0.57
N MET A 84 -22.20 0.92 0.48
CA MET A 84 -20.98 0.21 0.82
C MET A 84 -21.28 -1.26 1.12
N GLU A 85 -22.36 -1.48 1.86
CA GLU A 85 -22.79 -2.83 2.22
C GLU A 85 -23.18 -3.63 0.98
N LYS A 86 -23.66 -2.93 -0.04
CA LYS A 86 -24.03 -3.55 -1.31
C LYS A 86 -22.79 -3.97 -2.11
N ILE A 87 -21.77 -3.12 -2.08
CA ILE A 87 -20.50 -3.43 -2.72
C ILE A 87 -19.92 -4.71 -2.13
N TRP A 88 -20.04 -4.83 -0.81
CA TRP A 88 -19.55 -6.01 -0.11
C TRP A 88 -20.32 -7.28 -0.47
N ARG A 89 -21.64 -7.17 -0.59
N ARG A 89 -21.64 -7.16 -0.60
CA ARG A 89 -22.45 -8.31 -1.00
CA ARG A 89 -22.47 -8.30 -1.00
C ARG A 89 -22.12 -8.76 -2.42
C ARG A 89 -22.13 -8.75 -2.41
N HIS A 90 -21.87 -7.78 -3.28
CA HIS A 90 -21.50 -8.07 -4.66
C HIS A 90 -20.10 -8.69 -4.71
N THR A 91 -19.23 -8.21 -3.83
CA THR A 91 -17.87 -8.73 -3.72
C THR A 91 -17.87 -10.20 -3.34
N PHE A 92 -18.65 -10.53 -2.31
CA PHE A 92 -18.72 -11.90 -1.81
C PHE A 92 -19.47 -12.83 -2.75
N PHE A 93 -20.70 -12.45 -3.10
CA PHE A 93 -21.62 -13.32 -3.83
C PHE A 93 -21.30 -13.40 -5.33
N ASN A 94 -21.21 -12.24 -5.98
CA ASN A 94 -21.06 -12.20 -7.44
C ASN A 94 -19.63 -12.34 -7.93
N GLU A 95 -18.68 -11.82 -7.16
CA GLU A 95 -17.28 -11.81 -7.58
C GLU A 95 -16.50 -13.02 -7.08
N LEU A 96 -16.22 -13.04 -5.78
CA LEU A 96 -15.46 -14.14 -5.19
C LEU A 96 -16.27 -15.42 -5.18
N ARG A 97 -17.59 -15.30 -5.27
CA ARG A 97 -18.51 -16.43 -5.19
C ARG A 97 -18.27 -17.22 -3.91
N VAL A 98 -18.35 -16.52 -2.78
CA VAL A 98 -17.97 -17.07 -1.50
C VAL A 98 -18.96 -16.67 -0.40
N SER A 99 -19.27 -17.62 0.48
CA SER A 99 -20.09 -17.35 1.64
C SER A 99 -19.24 -16.71 2.74
N PRO A 100 -19.57 -15.47 3.14
CA PRO A 100 -18.77 -14.71 4.11
C PRO A 100 -18.86 -15.26 5.53
N GLU A 101 -19.92 -15.99 5.86
CA GLU A 101 -20.08 -16.53 7.20
C GLU A 101 -19.21 -17.78 7.42
N GLU A 102 -18.48 -18.18 6.39
CA GLU A 102 -17.62 -19.36 6.47
C GLU A 102 -16.14 -18.99 6.38
N HIS A 103 -15.86 -17.70 6.24
CA HIS A 103 -14.49 -17.24 6.10
C HIS A 103 -14.18 -16.04 6.99
N PRO A 104 -12.96 -15.98 7.52
CA PRO A 104 -12.48 -14.76 8.19
C PRO A 104 -12.20 -13.69 7.14
N VAL A 105 -12.51 -12.43 7.45
CA VAL A 105 -12.39 -11.37 6.45
C VAL A 105 -11.46 -10.24 6.89
N LEU A 106 -10.47 -9.94 6.05
N LEU A 106 -10.46 -9.95 6.05
CA LEU A 106 -9.56 -8.83 6.30
CA LEU A 106 -9.56 -8.83 6.30
C LEU A 106 -9.95 -7.62 5.47
C LEU A 106 -9.99 -7.62 5.47
N LEU A 107 -10.16 -6.49 6.14
CA LEU A 107 -10.55 -5.25 5.46
C LEU A 107 -9.47 -4.20 5.61
N THR A 108 -9.57 -3.14 4.81
CA THR A 108 -8.60 -2.06 4.87
C THR A 108 -9.29 -0.72 5.12
N GLU A 109 -8.56 0.21 5.71
CA GLU A 109 -9.08 1.53 6.00
C GLU A 109 -8.03 2.59 5.69
N ALA A 110 -8.47 3.81 5.44
CA ALA A 110 -7.56 4.93 5.20
C ALA A 110 -6.90 5.34 6.50
N PRO A 111 -5.72 5.98 6.41
CA PRO A 111 -5.10 6.56 7.61
C PRO A 111 -6.01 7.63 8.23
N LEU A 112 -6.01 7.73 9.55
CA LEU A 112 -6.85 8.69 10.27
C LEU A 112 -8.34 8.47 10.00
N ASN A 113 -8.73 7.21 9.85
CA ASN A 113 -10.13 6.86 9.64
C ASN A 113 -10.95 7.07 10.91
N PRO A 114 -12.00 7.90 10.83
CA PRO A 114 -12.88 8.20 11.96
C PRO A 114 -13.42 6.94 12.63
N LYS A 115 -13.49 6.96 13.96
CA LYS A 115 -13.88 5.78 14.73
C LYS A 115 -15.31 5.32 14.46
N THR A 116 -16.18 6.27 14.11
CA THR A 116 -17.58 5.94 13.84
C THR A 116 -17.68 4.99 12.64
N ASN A 117 -16.84 5.22 11.65
CA ASN A 117 -16.81 4.38 10.45
C ASN A 117 -16.15 3.04 10.71
N ARG A 118 -15.20 3.01 11.63
CA ARG A 118 -14.52 1.77 12.00
C ARG A 118 -15.48 0.84 12.72
N GLU A 119 -16.30 1.41 13.59
CA GLU A 119 -17.28 0.64 14.34
C GLU A 119 -18.42 0.17 13.45
N LYS A 120 -18.82 1.01 12.49
CA LYS A 120 -19.91 0.67 11.58
C LYS A 120 -19.48 -0.46 10.64
N MET A 121 -18.22 -0.42 10.21
CA MET A 121 -17.66 -1.46 9.37
C MET A 121 -17.63 -2.80 10.10
N THR A 122 -17.26 -2.76 11.37
CA THR A 122 -17.20 -3.96 12.18
C THR A 122 -18.59 -4.49 12.48
N GLN A 123 -19.53 -3.57 12.69
CA GLN A 123 -20.91 -3.93 12.97
C GLN A 123 -21.56 -4.65 11.80
N ILE A 124 -21.36 -4.11 10.60
CA ILE A 124 -21.94 -4.69 9.38
C ILE A 124 -21.42 -6.10 9.12
N MET A 125 -20.11 -6.29 9.23
CA MET A 125 -19.50 -7.58 8.97
C MET A 125 -20.04 -8.68 9.87
N PHE A 126 -20.22 -8.37 11.15
CA PHE A 126 -20.70 -9.35 12.11
C PHE A 126 -22.22 -9.51 12.10
N GLU A 127 -22.95 -8.40 12.00
CA GLU A 127 -24.41 -8.43 12.10
C GLU A 127 -25.09 -8.72 10.77
N SER A 128 -24.58 -8.13 9.68
CA SER A 128 -25.21 -8.28 8.38
C SER A 128 -24.65 -9.45 7.58
N PHE A 129 -23.39 -9.79 7.81
CA PHE A 129 -22.73 -10.85 7.06
C PHE A 129 -22.47 -12.11 7.88
N ASP A 130 -22.62 -11.99 9.21
CA ASP A 130 -22.41 -13.11 10.11
C ASP A 130 -21.00 -13.70 9.97
N VAL A 131 -20.01 -12.82 9.88
N VAL A 131 -20.01 -12.81 9.87
CA VAL A 131 -18.62 -13.22 9.72
CA VAL A 131 -18.62 -13.23 9.72
C VAL A 131 -18.06 -13.81 11.01
C VAL A 131 -18.11 -13.86 11.02
N PRO A 132 -17.38 -14.97 10.91
CA PRO A 132 -16.80 -15.63 12.09
C PRO A 132 -15.69 -14.81 12.74
N ALA A 133 -14.89 -14.11 11.93
CA ALA A 133 -13.80 -13.30 12.45
C ALA A 133 -13.35 -12.27 11.43
N MET A 134 -12.99 -11.07 11.89
CA MET A 134 -12.54 -10.02 10.99
C MET A 134 -11.35 -9.24 11.55
N TYR A 135 -10.80 -8.37 10.72
CA TYR A 135 -9.66 -7.53 11.10
C TYR A 135 -9.55 -6.35 10.14
N VAL A 136 -9.15 -5.20 10.67
CA VAL A 136 -8.99 -4.00 9.85
C VAL A 136 -7.54 -3.53 9.86
N SER A 137 -6.98 -3.36 8.68
CA SER A 137 -5.61 -2.88 8.55
C SER A 137 -5.54 -1.54 7.83
N ILE A 138 -4.66 -0.66 8.31
CA ILE A 138 -4.39 0.59 7.61
C ILE A 138 -3.72 0.26 6.27
N GLN A 139 -4.20 0.88 5.21
CA GLN A 139 -3.72 0.61 3.85
C GLN A 139 -2.22 0.83 3.67
N ALA A 140 -1.74 1.98 4.12
CA ALA A 140 -0.33 2.34 3.96
C ALA A 140 0.60 1.33 4.64
N ILE A 141 0.17 0.81 5.78
CA ILE A 141 0.95 -0.17 6.52
C ILE A 141 1.10 -1.48 5.73
N LEU A 142 0.02 -1.91 5.09
CA LEU A 142 0.05 -3.12 4.28
C LEU A 142 1.00 -2.98 3.08
N SER A 143 1.10 -1.77 2.55
CA SER A 143 2.00 -1.51 1.44
C SER A 143 3.46 -1.57 1.87
N LEU A 144 3.74 -1.02 3.04
CA LEU A 144 5.10 -1.05 3.57
C LEU A 144 5.54 -2.48 3.85
N TYR A 145 4.66 -3.25 4.46
CA TYR A 145 4.91 -4.67 4.71
C TYR A 145 5.22 -5.41 3.42
N ALA A 146 4.40 -5.14 2.39
CA ALA A 146 4.56 -5.78 1.09
C ALA A 146 5.93 -5.50 0.49
N SER A 147 6.51 -4.35 0.82
CA SER A 147 7.82 -3.98 0.31
C SER A 147 8.92 -4.53 1.21
N GLY A 148 8.53 -5.22 2.26
CA GLY A 148 9.49 -5.83 3.17
C GLY A 148 10.14 -4.84 4.13
N ARG A 149 9.34 -3.92 4.67
CA ARG A 149 9.83 -2.90 5.59
C ARG A 149 8.88 -2.70 6.76
N THR A 150 9.42 -2.24 7.88
CA THR A 150 8.61 -1.90 9.04
C THR A 150 8.68 -0.41 9.32
N THR A 151 9.60 0.27 8.63
CA THR A 151 9.79 1.71 8.80
C THR A 151 10.02 2.39 7.45
N GLY A 152 9.29 3.48 7.24
CA GLY A 152 9.43 4.25 6.02
C GLY A 152 8.29 5.23 5.84
N ILE A 153 8.35 6.03 4.79
CA ILE A 153 7.26 6.95 4.48
C ILE A 153 6.52 6.51 3.21
N VAL A 154 5.26 6.14 3.35
CA VAL A 154 4.47 5.65 2.23
C VAL A 154 3.67 6.77 1.56
N LEU A 155 3.84 6.92 0.26
CA LEU A 155 3.05 7.86 -0.51
C LEU A 155 1.97 7.10 -1.25
N ASP A 156 0.81 6.97 -0.62
CA ASP A 156 -0.32 6.26 -1.21
C ASP A 156 -1.15 7.24 -2.03
N SER A 157 -1.26 6.95 -3.32
CA SER A 157 -1.92 7.86 -4.24
C SER A 157 -2.86 7.10 -5.15
N GLY A 158 -4.17 7.24 -4.91
CA GLY A 158 -5.15 6.47 -5.64
C GLY A 158 -6.04 7.26 -6.58
N ASP A 159 -7.34 7.00 -6.52
CA ASP A 159 -8.31 7.65 -7.40
C ASP A 159 -8.92 8.89 -6.76
N GLY A 160 -9.18 8.82 -5.45
CA GLY A 160 -9.86 9.90 -4.76
C GLY A 160 -9.03 10.65 -3.72
N VAL A 161 -7.92 10.07 -3.30
CA VAL A 161 -7.12 10.69 -2.25
C VAL A 161 -5.65 10.27 -2.29
N THR A 162 -4.76 11.20 -1.93
CA THR A 162 -3.34 10.91 -1.83
C THR A 162 -2.90 11.07 -0.37
N HIS A 163 -2.32 10.00 0.19
CA HIS A 163 -1.88 10.01 1.57
C HIS A 163 -0.36 9.90 1.72
N THR A 164 0.19 10.68 2.64
N THR A 164 0.21 10.71 2.61
CA THR A 164 1.60 10.64 2.98
CA THR A 164 1.62 10.58 2.94
C THR A 164 1.75 10.15 4.41
C THR A 164 1.76 10.14 4.39
N VAL A 165 2.14 8.88 4.57
CA VAL A 165 2.16 8.27 5.89
C VAL A 165 3.55 7.83 6.35
N PRO A 166 4.13 8.59 7.29
CA PRO A 166 5.34 8.16 7.99
C PRO A 166 5.02 6.98 8.91
N ILE A 167 5.80 5.91 8.81
CA ILE A 167 5.59 4.72 9.63
C ILE A 167 6.89 4.32 10.31
N TYR A 168 6.83 4.13 11.63
CA TYR A 168 8.02 3.75 12.38
C TYR A 168 7.81 2.46 13.18
N GLU A 169 8.61 1.45 12.87
CA GLU A 169 8.57 0.16 13.55
C GLU A 169 7.19 -0.49 13.57
N GLY A 170 6.48 -0.40 12.45
CA GLY A 170 5.21 -1.09 12.29
C GLY A 170 3.99 -0.27 12.64
N TYR A 171 4.19 0.99 13.03
CA TYR A 171 3.07 1.86 13.40
C TYR A 171 3.16 3.25 12.81
N VAL A 172 2.03 3.75 12.32
CA VAL A 172 1.98 5.07 11.72
C VAL A 172 2.22 6.16 12.76
N LEU A 173 2.74 7.29 12.31
CA LEU A 173 2.89 8.46 13.16
C LEU A 173 1.81 9.46 12.78
N PRO A 174 0.66 9.38 13.49
CA PRO A 174 -0.58 10.07 13.12
C PRO A 174 -0.46 11.59 13.03
N HIS A 175 0.43 12.18 13.81
CA HIS A 175 0.59 13.63 13.80
C HIS A 175 1.41 14.11 12.59
N ALA A 176 2.05 13.16 11.91
CA ALA A 176 2.88 13.50 10.75
C ALA A 176 2.20 13.11 9.44
N ILE A 177 1.06 12.44 9.55
CA ILE A 177 0.29 12.06 8.37
C ILE A 177 -0.31 13.28 7.68
N ASN A 178 -0.04 13.42 6.39
CA ASN A 178 -0.66 14.46 5.59
C ASN A 178 -1.64 13.87 4.58
N ARG A 179 -2.66 14.64 4.23
CA ARG A 179 -3.66 14.19 3.28
C ARG A 179 -4.02 15.27 2.25
N THR A 180 -3.98 14.91 0.98
N THR A 180 -4.00 14.88 0.98
CA THR A 180 -4.45 15.80 -0.07
CA THR A 180 -4.43 15.76 -0.10
C THR A 180 -5.51 15.09 -0.92
C THR A 180 -5.53 15.07 -0.90
N ASP A 181 -6.64 15.76 -1.11
CA ASP A 181 -7.77 15.17 -1.82
C ASP A 181 -7.62 15.20 -3.35
N MET A 182 -6.44 15.53 -3.83
CA MET A 182 -6.18 15.44 -5.26
C MET A 182 -5.58 14.08 -5.60
N ALA A 183 -6.07 13.47 -6.67
CA ALA A 183 -5.64 12.13 -7.03
C ALA A 183 -5.89 11.81 -8.51
N GLY A 184 -6.11 10.53 -8.80
CA GLY A 184 -6.29 10.06 -10.16
C GLY A 184 -7.49 10.67 -10.86
N ARG A 185 -8.61 10.75 -10.16
CA ARG A 185 -9.85 11.28 -10.74
C ARG A 185 -9.68 12.73 -11.14
N ASP A 186 -8.99 13.50 -10.31
CA ASP A 186 -8.72 14.91 -10.61
C ASP A 186 -7.82 15.05 -11.82
N LEU A 187 -6.87 14.13 -11.97
CA LEU A 187 -5.98 14.14 -13.13
C LEU A 187 -6.74 13.79 -14.41
N THR A 188 -7.71 12.89 -14.29
CA THR A 188 -8.54 12.51 -15.42
C THR A 188 -9.34 13.70 -15.93
N TYR A 189 -9.90 14.47 -15.02
CA TYR A 189 -10.65 15.67 -15.38
C TYR A 189 -9.73 16.76 -15.94
N TYR A 190 -8.48 16.79 -15.49
CA TYR A 190 -7.51 17.74 -16.00
C TYR A 190 -7.23 17.46 -17.47
N MET A 191 -7.05 16.18 -17.79
N MET A 191 -7.07 16.18 -17.80
CA MET A 191 -6.81 15.75 -19.16
CA MET A 191 -6.80 15.79 -19.18
C MET A 191 -8.02 16.08 -20.03
C MET A 191 -8.03 15.99 -20.06
N MET A 192 -9.21 15.98 -19.45
CA MET A 192 -10.45 16.31 -20.14
C MET A 192 -10.46 17.80 -20.47
N LYS A 193 -10.01 18.59 -19.50
CA LYS A 193 -9.88 20.04 -19.67
C LYS A 193 -8.88 20.39 -20.75
N LEU A 194 -7.77 19.64 -20.79
CA LEU A 194 -6.72 19.87 -21.79
C LEU A 194 -7.20 19.49 -23.18
N PHE A 195 -8.07 18.50 -23.27
CA PHE A 195 -8.63 18.08 -24.55
C PHE A 195 -9.76 19.00 -24.99
N THR A 196 -10.34 19.71 -24.01
CA THR A 196 -11.40 20.67 -24.29
C THR A 196 -10.87 21.87 -25.06
N GLU A 197 -9.70 22.37 -24.65
CA GLU A 197 -9.08 23.51 -25.30
C GLU A 197 -8.51 23.14 -26.68
N ARG A 198 -8.70 21.89 -27.07
CA ARG A 198 -8.26 21.41 -28.38
C ARG A 198 -9.45 21.33 -29.35
N GLY A 199 -10.66 21.34 -28.79
CA GLY A 199 -11.86 21.28 -29.60
C GLY A 199 -12.77 20.13 -29.21
N TYR A 200 -12.21 19.14 -28.53
CA TYR A 200 -12.97 17.97 -28.12
C TYR A 200 -13.89 18.28 -26.93
N THR A 201 -14.90 17.44 -26.73
CA THR A 201 -15.86 17.63 -25.65
C THR A 201 -16.19 16.34 -24.92
N PHE A 202 -15.21 15.79 -24.21
CA PHE A 202 -15.43 14.61 -23.39
C PHE A 202 -16.21 15.01 -22.13
N THR A 203 -17.46 14.55 -22.04
CA THR A 203 -18.33 14.97 -20.94
C THR A 203 -19.12 13.82 -20.31
N THR A 204 -19.57 12.89 -21.15
CA THR A 204 -20.44 11.81 -20.68
C THR A 204 -19.72 10.82 -19.77
N THR A 205 -20.45 9.83 -19.28
CA THR A 205 -19.90 8.79 -18.42
C THR A 205 -18.84 7.99 -19.16
N ALA A 206 -19.20 7.53 -20.35
CA ALA A 206 -18.29 6.71 -21.16
C ALA A 206 -17.11 7.54 -21.67
N GLU A 207 -17.35 8.81 -21.96
CA GLU A 207 -16.29 9.70 -22.45
C GLU A 207 -15.23 9.96 -21.38
N ARG A 208 -15.66 10.01 -20.13
CA ARG A 208 -14.74 10.18 -19.01
C ARG A 208 -13.89 8.93 -18.86
N GLU A 209 -14.47 7.79 -19.17
CA GLU A 209 -13.78 6.51 -19.08
C GLU A 209 -12.75 6.37 -20.20
N ILE A 210 -13.05 6.96 -21.35
CA ILE A 210 -12.13 6.95 -22.48
C ILE A 210 -10.86 7.72 -22.13
N VAL A 211 -11.05 8.95 -21.66
CA VAL A 211 -9.95 9.82 -21.27
C VAL A 211 -9.10 9.20 -20.17
N ARG A 212 -9.77 8.49 -19.26
N ARG A 212 -9.76 8.49 -19.25
CA ARG A 212 -9.09 7.81 -18.15
CA ARG A 212 -9.06 7.82 -18.16
C ARG A 212 -8.11 6.76 -18.70
C ARG A 212 -8.10 6.78 -18.71
N ASP A 213 -8.53 6.09 -19.76
CA ASP A 213 -7.69 5.10 -20.42
C ASP A 213 -6.55 5.77 -21.17
N ILE A 214 -6.86 6.92 -21.78
CA ILE A 214 -5.84 7.73 -22.47
C ILE A 214 -4.75 8.14 -21.49
N LYS A 215 -5.17 8.55 -20.30
CA LYS A 215 -4.24 8.98 -19.26
C LYS A 215 -3.32 7.86 -18.82
N GLU A 216 -3.89 6.68 -18.56
CA GLU A 216 -3.11 5.56 -18.07
C GLU A 216 -2.12 5.02 -19.09
N LYS A 217 -2.54 5.01 -20.36
N LYS A 217 -2.53 4.99 -20.36
CA LYS A 217 -1.74 4.39 -21.42
CA LYS A 217 -1.73 4.39 -21.42
C LYS A 217 -0.64 5.31 -21.95
C LYS A 217 -0.62 5.31 -21.93
N LEU A 218 -0.95 6.58 -22.13
CA LEU A 218 -0.04 7.52 -22.79
C LEU A 218 0.79 8.45 -21.90
N CYS A 219 0.36 8.69 -20.67
CA CYS A 219 1.04 9.68 -19.83
C CYS A 219 2.38 9.22 -19.25
N TYR A 220 3.21 10.20 -18.89
CA TYR A 220 4.47 9.94 -18.21
C TYR A 220 4.90 11.20 -17.46
N ILE A 221 5.85 11.05 -16.54
CA ILE A 221 6.37 12.20 -15.80
C ILE A 221 7.60 12.79 -16.48
N ALA A 222 7.56 14.09 -16.72
CA ALA A 222 8.72 14.80 -17.26
C ALA A 222 9.76 15.01 -16.17
N LEU A 223 11.00 14.63 -16.44
CA LEU A 223 12.09 14.85 -15.50
C LEU A 223 12.34 16.33 -15.34
N ASP A 224 12.46 17.02 -16.48
CA ASP A 224 12.56 18.48 -16.49
C ASP A 224 11.36 19.01 -17.26
N TYR A 225 10.36 19.51 -16.52
CA TYR A 225 9.10 19.94 -17.11
C TYR A 225 9.26 21.07 -18.13
N ASP A 226 10.07 22.08 -17.78
CA ASP A 226 10.30 23.21 -18.68
C ASP A 226 11.06 22.78 -19.94
N GLU A 227 11.93 21.78 -19.79
CA GLU A 227 12.71 21.28 -20.92
C GLU A 227 11.84 20.42 -21.84
N GLU A 228 10.97 19.61 -21.25
N GLU A 228 10.96 19.61 -21.25
CA GLU A 228 10.06 18.78 -22.02
CA GLU A 228 10.05 18.78 -22.01
C GLU A 228 9.00 19.63 -22.72
C GLU A 228 9.01 19.63 -22.71
N LEU A 229 8.64 20.74 -22.08
CA LEU A 229 7.65 21.66 -22.64
C LEU A 229 8.25 22.36 -23.85
N LYS A 230 9.53 22.67 -23.78
CA LYS A 230 10.26 23.25 -24.89
C LYS A 230 10.41 22.22 -26.00
N LYS A 231 10.69 20.98 -25.61
CA LYS A 231 10.89 19.89 -26.56
C LYS A 231 9.64 19.58 -27.38
N SER A 232 8.49 19.64 -26.72
CA SER A 232 7.22 19.31 -27.39
C SER A 232 6.78 20.43 -28.33
N GLU A 233 7.28 21.64 -28.09
CA GLU A 233 6.92 22.78 -28.91
C GLU A 233 7.84 22.91 -30.12
N GLU A 234 8.99 22.25 -30.05
CA GLU A 234 9.94 22.23 -31.16
C GLU A 234 9.86 20.90 -31.90
N ARG A 235 10.50 19.89 -31.34
CA ARG A 235 10.44 18.54 -31.90
C ARG A 235 9.17 17.84 -31.42
N THR A 236 8.03 18.25 -31.95
CA THR A 236 6.74 17.75 -31.51
C THR A 236 6.54 16.27 -31.83
N GLU A 237 7.20 15.81 -32.89
CA GLU A 237 7.08 14.42 -33.33
C GLU A 237 7.63 13.43 -32.31
N GLU A 238 8.50 13.93 -31.43
CA GLU A 238 9.14 13.06 -30.44
C GLU A 238 8.28 12.89 -29.18
N VAL A 239 7.08 13.49 -29.19
CA VAL A 239 6.18 13.39 -28.05
C VAL A 239 4.79 12.91 -28.47
N GLU A 240 4.37 13.32 -29.67
CA GLU A 240 3.03 13.00 -30.16
C GLU A 240 2.77 11.50 -30.32
N GLU A 241 1.60 11.07 -29.84
CA GLU A 241 1.15 9.70 -30.02
C GLU A 241 -0.32 9.67 -30.42
N MET A 242 -0.67 8.76 -31.32
CA MET A 242 -2.06 8.61 -31.74
C MET A 242 -2.80 7.65 -30.81
N TYR A 243 -4.04 8.01 -30.47
CA TYR A 243 -4.89 7.14 -29.67
C TYR A 243 -6.18 6.83 -30.43
N GLU A 244 -6.50 5.56 -30.55
CA GLU A 244 -7.69 5.16 -31.29
C GLU A 244 -8.95 5.21 -30.43
N LEU A 245 -9.82 6.16 -30.74
CA LEU A 245 -11.11 6.29 -30.06
C LEU A 245 -11.99 5.10 -30.45
N PRO A 246 -12.97 4.75 -29.60
CA PRO A 246 -13.82 3.59 -29.84
C PRO A 246 -14.62 3.65 -31.14
N ASP A 247 -14.74 4.84 -31.74
CA ASP A 247 -15.44 4.98 -33.01
C ASP A 247 -14.52 4.72 -34.21
N GLY A 248 -13.22 4.67 -33.94
CA GLY A 248 -12.25 4.42 -34.99
C GLY A 248 -11.42 5.64 -35.34
N ASN A 249 -11.88 6.81 -34.90
CA ASN A 249 -11.15 8.05 -35.13
C ASN A 249 -9.84 8.10 -34.35
N LEU A 250 -8.91 8.91 -34.82
CA LEU A 250 -7.61 9.04 -34.15
C LEU A 250 -7.41 10.43 -33.57
N ILE A 251 -6.99 10.47 -32.31
CA ILE A 251 -6.67 11.73 -31.65
C ILE A 251 -5.18 11.81 -31.34
N THR A 252 -4.57 12.94 -31.64
CA THR A 252 -3.15 13.13 -31.35
C THR A 252 -2.98 13.59 -29.90
N VAL A 253 -2.05 12.95 -29.20
CA VAL A 253 -1.76 13.33 -27.83
C VAL A 253 -0.29 13.77 -27.72
N GLY A 254 -0.09 15.05 -27.42
CA GLY A 254 1.25 15.60 -27.37
C GLY A 254 1.71 15.95 -25.96
N SER A 255 1.68 17.25 -25.65
CA SER A 255 2.17 17.74 -24.36
C SER A 255 1.29 17.29 -23.20
N GLU A 256 0.06 16.89 -23.50
CA GLU A 256 -0.87 16.44 -22.47
C GLU A 256 -0.32 15.22 -21.72
N ARG A 257 0.53 14.45 -22.38
CA ARG A 257 1.11 13.25 -21.79
C ARG A 257 1.84 13.53 -20.49
N PHE A 258 2.59 14.64 -20.44
CA PHE A 258 3.36 14.96 -19.25
C PHE A 258 2.79 16.16 -18.48
N ARG A 259 1.99 16.99 -19.16
CA ARG A 259 1.38 18.14 -18.50
C ARG A 259 0.33 17.71 -17.50
N CYS A 260 -0.34 16.59 -17.79
CA CYS A 260 -1.41 16.08 -16.93
C CYS A 260 -0.90 15.56 -15.58
N PRO A 261 0.06 14.62 -15.59
CA PRO A 261 0.51 14.14 -14.27
C PRO A 261 1.45 15.13 -13.57
N GLU A 262 1.82 16.20 -14.24
CA GLU A 262 2.65 17.25 -13.63
C GLU A 262 1.89 17.92 -12.49
N ALA A 263 0.58 17.92 -12.57
CA ALA A 263 -0.28 18.48 -11.53
C ALA A 263 -0.04 17.84 -10.16
N LEU A 264 0.49 16.61 -10.17
CA LEU A 264 0.85 15.92 -8.93
C LEU A 264 1.94 16.67 -8.18
N PHE A 265 2.84 17.31 -8.93
CA PHE A 265 3.98 18.03 -8.35
C PHE A 265 3.69 19.53 -8.26
N ASN A 266 2.83 20.01 -9.14
CA ASN A 266 2.43 21.41 -9.14
CA ASN A 266 2.43 21.41 -9.14
C ASN A 266 0.91 21.56 -9.28
N PRO A 267 0.18 21.34 -8.18
CA PRO A 267 -1.28 21.36 -8.14
C PRO A 267 -1.90 22.68 -8.58
N SER A 268 -1.10 23.73 -8.70
CA SER A 268 -1.59 25.02 -9.16
C SER A 268 -2.02 24.98 -10.62
N LEU A 269 -1.56 23.94 -11.33
CA LEU A 269 -1.94 23.74 -12.72
C LEU A 269 -3.45 23.54 -12.87
N ILE A 270 -4.05 22.83 -11.91
N ILE A 270 -4.05 22.83 -11.91
CA ILE A 270 -5.48 22.59 -11.93
CA ILE A 270 -5.48 22.58 -11.92
C ILE A 270 -6.22 23.53 -10.99
C ILE A 270 -6.21 23.52 -10.97
N GLY A 271 -5.49 24.48 -10.41
CA GLY A 271 -6.08 25.46 -9.53
C GLY A 271 -6.22 25.04 -8.08
N ARG A 272 -5.25 24.28 -7.59
CA ARG A 272 -5.22 23.90 -6.17
C ARG A 272 -4.11 24.62 -5.44
N GLU A 273 -4.34 24.94 -4.17
CA GLU A 273 -3.38 25.67 -3.37
C GLU A 273 -2.41 24.74 -2.63
N CYS A 274 -2.89 23.54 -2.31
CA CYS A 274 -2.08 22.57 -1.59
C CYS A 274 -0.78 22.24 -2.32
N PRO A 275 0.31 22.02 -1.58
CA PRO A 275 1.63 21.72 -2.13
C PRO A 275 1.67 20.42 -2.92
N GLY A 276 2.70 20.28 -3.76
CA GLY A 276 2.85 19.09 -4.57
C GLY A 276 3.25 17.87 -3.78
N LEU A 277 3.37 16.74 -4.47
CA LEU A 277 3.67 15.45 -3.87
C LEU A 277 4.95 15.45 -3.05
N HIS A 278 5.98 16.08 -3.58
N HIS A 278 5.99 16.07 -3.58
CA HIS A 278 7.30 16.10 -2.96
CA HIS A 278 7.30 16.08 -2.93
C HIS A 278 7.36 16.99 -1.72
C HIS A 278 7.34 16.97 -1.69
N ILE A 279 6.65 18.11 -1.76
CA ILE A 279 6.61 19.04 -0.64
C ILE A 279 5.84 18.44 0.54
N THR A 280 4.71 17.84 0.23
CA THR A 280 3.85 17.21 1.24
C THR A 280 4.57 16.06 1.95
N ALA A 281 5.38 15.33 1.20
CA ALA A 281 6.20 14.27 1.78
C ALA A 281 7.29 14.85 2.66
N TYR A 282 7.87 15.96 2.22
CA TYR A 282 8.94 16.61 2.97
C TYR A 282 8.42 17.15 4.30
N GLN A 283 7.23 17.73 4.29
CA GLN A 283 6.64 18.31 5.49
C GLN A 283 6.25 17.25 6.50
N SER A 284 5.86 16.07 6.01
CA SER A 284 5.55 14.94 6.87
C SER A 284 6.81 14.45 7.59
N ILE A 285 7.90 14.37 6.84
CA ILE A 285 9.18 13.97 7.40
C ILE A 285 9.64 14.98 8.45
N MET A 286 9.39 16.26 8.19
CA MET A 286 9.75 17.31 9.12
C MET A 286 8.91 17.28 10.39
N LYS A 287 7.70 16.71 10.30
CA LYS A 287 6.83 16.57 11.46
C LYS A 287 7.22 15.36 12.31
N CYS A 288 8.24 14.63 11.87
CA CYS A 288 8.73 13.48 12.62
C CYS A 288 9.97 13.84 13.42
N ASP A 289 10.30 12.98 14.39
CA ASP A 289 11.50 13.16 15.20
C ASP A 289 12.74 13.14 14.31
N ILE A 290 13.67 14.06 14.58
CA ILE A 290 14.86 14.22 13.76
C ILE A 290 15.71 12.95 13.71
N ASP A 291 15.57 12.12 14.73
CA ASP A 291 16.38 10.90 14.84
C ASP A 291 15.92 9.79 13.89
N ILE A 292 14.80 10.00 13.21
CA ILE A 292 14.27 8.98 12.30
C ILE A 292 14.12 9.48 10.86
N ARG A 293 14.31 10.78 10.65
CA ARG A 293 14.14 11.38 9.33
C ARG A 293 15.08 10.75 8.30
N LYS A 294 16.29 10.44 8.73
CA LYS A 294 17.29 9.84 7.85
C LYS A 294 16.81 8.52 7.29
N GLU A 295 16.14 7.73 8.14
CA GLU A 295 15.64 6.43 7.74
C GLU A 295 14.43 6.57 6.83
N LEU A 296 13.65 7.63 7.03
CA LEU A 296 12.47 7.89 6.21
C LEU A 296 12.85 8.26 4.78
N TYR A 297 13.86 9.13 4.64
CA TYR A 297 14.36 9.53 3.33
C TYR A 297 14.86 8.31 2.56
N ASN A 298 15.42 7.35 3.28
CA ASN A 298 16.00 6.16 2.69
C ASN A 298 14.97 5.08 2.39
N ASN A 299 13.73 5.30 2.82
CA ASN A 299 12.67 4.32 2.63
C ASN A 299 11.35 4.91 2.15
N ILE A 300 11.43 5.75 1.12
CA ILE A 300 10.24 6.34 0.52
C ILE A 300 9.56 5.33 -0.40
N VAL A 301 8.38 4.87 -0.02
CA VAL A 301 7.69 3.82 -0.77
C VAL A 301 6.41 4.34 -1.45
N LEU A 302 6.36 4.18 -2.77
CA LEU A 302 5.18 4.58 -3.55
C LEU A 302 4.15 3.47 -3.63
N SER A 303 2.88 3.84 -3.50
CA SER A 303 1.77 2.90 -3.66
C SER A 303 0.56 3.59 -4.28
N GLY A 304 -0.33 2.80 -4.87
CA GLY A 304 -1.52 3.34 -5.50
C GLY A 304 -1.36 3.49 -7.00
N GLY A 305 -2.50 3.54 -7.70
CA GLY A 305 -2.49 3.60 -9.16
C GLY A 305 -1.90 4.87 -9.73
N THR A 306 -2.04 5.98 -9.00
CA THR A 306 -1.58 7.27 -9.50
C THR A 306 -0.05 7.43 -9.39
N THR A 307 0.60 6.44 -8.76
CA THR A 307 2.06 6.44 -8.70
C THR A 307 2.67 5.55 -9.78
N MET A 308 1.88 5.23 -10.80
CA MET A 308 2.31 4.30 -11.84
C MET A 308 2.98 4.99 -13.03
N TYR A 309 2.84 6.31 -13.11
CA TYR A 309 3.40 7.07 -14.22
C TYR A 309 4.90 6.80 -14.39
N ASN A 310 5.33 6.57 -15.62
CA ASN A 310 6.74 6.38 -15.91
C ASN A 310 7.57 7.55 -15.41
N TYR A 311 8.79 7.25 -14.96
CA TYR A 311 9.75 8.25 -14.50
C TYR A 311 9.34 9.00 -13.22
N ILE A 312 8.31 8.53 -12.53
CA ILE A 312 7.85 9.22 -11.32
C ILE A 312 8.81 8.97 -10.15
N GLY A 313 9.45 7.81 -10.15
CA GLY A 313 10.39 7.47 -9.09
C GLY A 313 11.63 8.32 -9.18
N GLU A 314 12.12 8.53 -10.40
CA GLU A 314 13.31 9.33 -10.64
C GLU A 314 13.05 10.80 -10.36
N ARG A 315 11.90 11.29 -10.83
CA ARG A 315 11.50 12.68 -10.60
C ARG A 315 11.41 12.99 -9.12
N LEU A 316 10.68 12.15 -8.39
CA LEU A 316 10.52 12.33 -6.95
C LEU A 316 11.85 12.27 -6.23
N THR A 317 12.70 11.32 -6.64
CA THR A 317 14.03 11.18 -6.05
C THR A 317 14.82 12.48 -6.15
N ASN A 318 14.78 13.10 -7.32
CA ASN A 318 15.46 14.37 -7.55
C ASN A 318 14.85 15.50 -6.73
N GLU A 319 13.53 15.53 -6.65
CA GLU A 319 12.82 16.57 -5.89
C GLU A 319 13.17 16.49 -4.41
N MET A 320 13.14 15.27 -3.86
CA MET A 320 13.39 15.07 -2.44
C MET A 320 14.82 15.44 -2.05
N THR A 321 15.76 15.10 -2.92
N THR A 321 15.79 15.10 -2.91
CA THR A 321 17.17 15.40 -2.71
CA THR A 321 17.19 15.39 -2.59
C THR A 321 17.41 16.90 -2.62
C THR A 321 17.52 16.86 -2.78
N SER A 322 16.74 17.65 -3.49
N SER A 322 16.63 17.59 -3.43
CA SER A 322 16.91 19.10 -3.53
CA SER A 322 16.79 19.04 -3.59
C SER A 322 16.30 19.78 -2.30
C SER A 322 16.26 19.76 -2.36
N LEU A 323 15.42 19.07 -1.60
CA LEU A 323 14.81 19.61 -0.39
C LEU A 323 15.57 19.15 0.85
N ALA A 324 16.04 17.91 0.81
CA ALA A 324 16.71 17.29 1.96
C ALA A 324 18.05 17.99 2.24
N PRO A 325 18.56 17.84 3.48
CA PRO A 325 19.90 18.36 3.82
C PRO A 325 20.97 17.77 2.91
N PRO A 326 22.13 18.46 2.79
CA PRO A 326 23.19 17.97 1.91
C PRO A 326 23.69 16.59 2.31
N SER A 327 24.04 15.78 1.31
CA SER A 327 24.57 14.43 1.50
C SER A 327 23.60 13.44 2.14
N MET A 328 22.34 13.84 2.29
CA MET A 328 21.31 12.94 2.79
C MET A 328 21.04 11.88 1.73
N LYS A 329 20.93 10.63 2.15
CA LYS A 329 20.67 9.55 1.21
C LYS A 329 19.16 9.36 0.99
N ILE A 330 18.74 9.54 -0.26
CA ILE A 330 17.33 9.42 -0.61
C ILE A 330 17.10 8.21 -1.51
N LYS A 331 16.16 7.35 -1.10
CA LYS A 331 15.76 6.21 -1.92
C LYS A 331 14.26 6.16 -2.10
N VAL A 332 13.81 6.21 -3.34
CA VAL A 332 12.40 6.05 -3.66
C VAL A 332 12.16 4.65 -4.23
N ILE A 333 11.41 3.84 -3.47
CA ILE A 333 11.06 2.50 -3.92
C ILE A 333 9.74 2.53 -4.69
N ALA A 334 9.74 1.99 -5.90
CA ALA A 334 8.55 1.95 -6.74
C ALA A 334 8.31 0.54 -7.27
N PRO A 335 7.61 -0.29 -6.48
CA PRO A 335 7.34 -1.68 -6.83
C PRO A 335 6.42 -1.79 -8.04
N PRO A 336 6.74 -2.69 -8.98
CA PRO A 336 5.95 -2.90 -10.21
C PRO A 336 4.49 -3.22 -9.92
N GLU A 337 4.22 -3.92 -8.82
N GLU A 337 4.25 -3.91 -8.82
CA GLU A 337 2.85 -4.29 -8.48
CA GLU A 337 2.90 -4.30 -8.40
C GLU A 337 2.18 -3.20 -7.64
C GLU A 337 2.25 -3.21 -7.55
N ARG A 338 2.67 -1.97 -7.78
CA ARG A 338 2.20 -0.81 -7.01
C ARG A 338 0.69 -0.66 -6.85
N LYS A 339 -0.06 -1.06 -7.87
CA LYS A 339 -1.53 -0.95 -7.83
C LYS A 339 -2.17 -1.90 -6.82
N TYR A 340 -1.45 -2.95 -6.43
CA TYR A 340 -2.03 -3.97 -5.58
C TYR A 340 -1.21 -4.27 -4.33
N SER A 341 -0.32 -3.36 -3.98
N SER A 341 -0.31 -3.35 -3.99
CA SER A 341 0.56 -3.53 -2.83
CA SER A 341 0.56 -3.53 -2.83
C SER A 341 -0.22 -3.65 -1.52
C SER A 341 -0.23 -3.66 -1.52
N VAL A 342 -1.31 -2.90 -1.40
CA VAL A 342 -2.16 -2.93 -0.21
C VAL A 342 -2.79 -4.30 -0.05
N TRP A 343 -3.38 -4.81 -1.13
CA TRP A 343 -4.01 -6.13 -1.08
C TRP A 343 -2.97 -7.21 -0.79
N ILE A 344 -1.83 -7.12 -1.47
CA ILE A 344 -0.78 -8.12 -1.34
C ILE A 344 -0.26 -8.20 0.10
N GLY A 345 -0.04 -7.04 0.70
CA GLY A 345 0.38 -6.98 2.08
C GLY A 345 -0.64 -7.61 3.00
N GLY A 346 -1.92 -7.47 2.64
CA GLY A 346 -3.00 -8.06 3.40
C GLY A 346 -3.06 -9.56 3.22
N SER A 347 -2.83 -10.03 2.00
CA SER A 347 -2.85 -11.46 1.70
C SER A 347 -1.76 -12.18 2.50
N ILE A 348 -0.58 -11.57 2.57
CA ILE A 348 0.53 -12.12 3.33
C ILE A 348 0.21 -12.11 4.82
N LEU A 349 -0.31 -10.97 5.29
CA LEU A 349 -0.63 -10.80 6.71
C LEU A 349 -1.61 -11.83 7.24
N SER A 350 -2.72 -12.00 6.52
CA SER A 350 -3.77 -12.92 6.96
C SER A 350 -3.41 -14.39 6.69
N SER A 351 -2.26 -14.61 6.06
CA SER A 351 -1.80 -15.97 5.79
C SER A 351 -0.85 -16.47 6.87
N LEU A 352 -0.34 -15.55 7.68
CA LEU A 352 0.64 -15.89 8.71
C LEU A 352 0.03 -16.73 9.82
N SER A 353 0.82 -17.64 10.37
CA SER A 353 0.37 -18.54 11.43
C SER A 353 0.07 -17.79 12.72
N THR A 354 0.67 -16.62 12.87
CA THR A 354 0.50 -15.82 14.09
C THR A 354 -0.72 -14.90 14.01
N PHE A 355 -1.41 -14.93 12.87
CA PHE A 355 -2.55 -14.04 12.66
C PHE A 355 -3.86 -14.69 13.10
N GLN A 356 -3.80 -15.98 13.40
CA GLN A 356 -4.98 -16.73 13.83
C GLN A 356 -5.58 -16.15 15.11
N LYS A 357 -4.71 -15.64 15.99
CA LYS A 357 -5.15 -15.08 17.26
C LYS A 357 -5.24 -13.56 17.24
N MET A 358 -5.05 -12.98 16.06
N MET A 358 -5.05 -12.97 16.05
CA MET A 358 -5.14 -11.53 15.88
CA MET A 358 -5.15 -11.52 15.90
C MET A 358 -6.54 -11.12 15.45
C MET A 358 -6.54 -11.11 15.42
N TRP A 359 -7.30 -12.08 14.94
CA TRP A 359 -8.66 -11.82 14.45
C TRP A 359 -9.58 -11.32 15.57
N ILE A 360 -10.54 -10.50 15.20
CA ILE A 360 -11.64 -10.17 16.10
C ILE A 360 -12.74 -11.17 15.87
N THR A 361 -13.01 -12.01 16.86
CA THR A 361 -13.97 -13.10 16.69
C THR A 361 -15.42 -12.67 16.90
N LYS A 362 -16.34 -13.52 16.47
CA LYS A 362 -17.77 -13.30 16.68
C LYS A 362 -18.07 -13.22 18.16
N GLU A 363 -17.39 -14.06 18.94
CA GLU A 363 -17.53 -14.09 20.39
C GLU A 363 -17.12 -12.76 21.01
N GLU A 364 -16.01 -12.21 20.54
CA GLU A 364 -15.49 -10.94 21.06
C GLU A 364 -16.41 -9.78 20.71
N TYR A 365 -17.17 -9.91 19.63
CA TYR A 365 -18.10 -8.88 19.21
C TYR A 365 -19.38 -8.91 20.04
N ASP A 366 -19.86 -10.11 20.33
CA ASP A 366 -21.15 -10.28 21.01
C ASP A 366 -21.14 -9.83 22.47
N GLU A 367 -19.96 -9.62 23.03
CA GLU A 367 -19.86 -9.17 24.43
C GLU A 367 -19.10 -7.85 24.55
N SER A 368 -18.95 -7.14 23.44
CA SER A 368 -18.26 -5.85 23.44
C SER A 368 -18.87 -4.88 22.43
N GLY A 369 -19.48 -5.42 21.39
CA GLY A 369 -20.10 -4.60 20.37
C GLY A 369 -19.11 -4.11 19.34
N PRO A 370 -19.51 -3.11 18.54
CA PRO A 370 -18.67 -2.55 17.48
C PRO A 370 -17.51 -1.71 18.01
N SER A 371 -17.42 -1.57 19.34
CA SER A 371 -16.32 -0.82 19.94
C SER A 371 -15.09 -1.70 20.12
N ILE A 372 -15.12 -2.86 19.49
CA ILE A 372 -14.09 -3.87 19.65
C ILE A 372 -12.87 -3.64 18.72
N VAL A 373 -13.08 -2.85 17.67
CA VAL A 373 -12.01 -2.60 16.70
C VAL A 373 -10.80 -1.92 17.33
N HIS A 374 -11.05 -0.99 18.25
CA HIS A 374 -9.99 -0.34 18.99
C HIS A 374 -9.24 -1.38 19.80
N ARG A 375 -8.07 -1.79 19.31
CA ARG A 375 -7.32 -2.91 19.85
C ARG A 375 -8.13 -4.20 19.81
N GLU B 6 -1.24 -18.33 21.68
CA GLU B 6 0.05 -17.68 21.46
C GLU B 6 1.01 -18.61 20.74
N HIS B 7 1.69 -18.11 19.73
CA HIS B 7 2.65 -18.90 18.96
C HIS B 7 3.79 -19.38 19.86
N PRO B 8 4.07 -20.69 19.82
CA PRO B 8 5.06 -21.34 20.69
C PRO B 8 6.46 -20.74 20.57
N GLU B 9 6.82 -20.25 19.39
CA GLU B 9 8.14 -19.67 19.19
C GLU B 9 8.29 -18.33 19.89
N PHE B 10 7.19 -17.60 20.02
CA PHE B 10 7.21 -16.33 20.73
C PHE B 10 7.50 -16.55 22.21
N LEU B 11 7.02 -17.66 22.75
CA LEU B 11 7.22 -17.98 24.16
C LEU B 11 8.68 -18.30 24.47
N LYS B 12 9.42 -18.74 23.45
CA LYS B 12 10.83 -19.07 23.62
C LYS B 12 11.71 -17.85 23.41
N ALA B 13 11.11 -16.78 22.90
CA ALA B 13 11.87 -15.60 22.49
C ALA B 13 12.24 -14.68 23.65
N GLY B 14 13.52 -14.37 23.76
CA GLY B 14 14.02 -13.37 24.70
C GLY B 14 13.89 -13.72 26.16
N LYS B 15 13.95 -15.01 26.48
CA LYS B 15 13.87 -15.47 27.87
C LYS B 15 15.20 -15.26 28.59
N GLU B 16 16.29 -15.31 27.85
CA GLU B 16 17.62 -15.16 28.42
C GLU B 16 18.59 -14.59 27.38
N PRO B 17 19.69 -13.97 27.84
CA PRO B 17 20.72 -13.46 26.94
C PRO B 17 21.21 -14.51 25.94
N GLY B 18 21.33 -14.13 24.68
CA GLY B 18 21.79 -15.04 23.66
C GLY B 18 21.33 -14.66 22.26
N LEU B 19 21.52 -15.57 21.31
CA LEU B 19 21.16 -15.33 19.91
C LEU B 19 20.08 -16.31 19.47
N GLN B 20 18.99 -15.77 18.93
CA GLN B 20 17.90 -16.61 18.44
C GLN B 20 17.56 -16.27 16.99
N ILE B 21 17.53 -17.29 16.13
CA ILE B 21 17.27 -17.10 14.71
C ILE B 21 16.14 -18.00 14.20
N TRP B 22 15.19 -17.39 13.50
CA TRP B 22 14.12 -18.12 12.86
C TRP B 22 14.15 -17.88 11.35
N ARG B 23 13.70 -18.87 10.58
CA ARG B 23 13.57 -18.70 9.14
C ARG B 23 12.09 -18.74 8.76
N VAL B 24 11.68 -17.82 7.88
CA VAL B 24 10.32 -17.81 7.39
C VAL B 24 10.08 -18.96 6.43
N GLU B 25 9.16 -19.85 6.80
CA GLU B 25 8.85 -21.02 5.98
C GLU B 25 7.35 -21.16 5.77
N LYS B 26 6.90 -20.80 4.56
CA LYS B 26 5.48 -20.85 4.21
C LYS B 26 4.58 -20.17 5.24
N PHE B 27 4.76 -18.86 5.37
CA PHE B 27 3.93 -18.03 6.26
C PHE B 27 4.04 -18.40 7.74
N ASP B 28 5.14 -19.04 8.12
CA ASP B 28 5.35 -19.41 9.52
C ASP B 28 6.78 -19.15 9.96
N LEU B 29 6.98 -18.96 11.26
CA LEU B 29 8.31 -18.81 11.84
C LEU B 29 8.85 -20.15 12.33
N VAL B 30 9.95 -20.60 11.74
CA VAL B 30 10.56 -21.87 12.11
C VAL B 30 12.00 -21.65 12.58
N PRO B 31 12.31 -22.09 13.80
CA PRO B 31 13.65 -21.92 14.39
C PRO B 31 14.73 -22.65 13.60
N VAL B 32 15.81 -21.94 13.29
CA VAL B 32 16.96 -22.54 12.61
C VAL B 32 17.77 -23.34 13.63
N PRO B 33 18.15 -24.58 13.25
CA PRO B 33 19.02 -25.38 14.11
C PRO B 33 20.36 -24.68 14.35
N PRO B 34 20.77 -24.57 15.62
CA PRO B 34 21.95 -23.81 16.08
C PRO B 34 23.21 -24.05 15.27
N ASN B 35 23.41 -25.28 14.79
CA ASN B 35 24.62 -25.61 14.04
C ASN B 35 24.65 -24.94 12.66
N LEU B 36 23.54 -24.32 12.29
CA LEU B 36 23.43 -23.64 11.00
C LEU B 36 23.41 -22.13 11.13
N TYR B 37 23.55 -21.63 12.35
CA TYR B 37 23.57 -20.19 12.59
C TYR B 37 24.68 -19.50 11.79
N GLY B 38 24.30 -18.50 11.02
CA GLY B 38 25.27 -17.73 10.24
C GLY B 38 25.34 -18.17 8.79
N ASP B 39 24.76 -19.33 8.50
CA ASP B 39 24.73 -19.86 7.14
C ASP B 39 23.35 -19.62 6.51
N PHE B 40 23.20 -18.47 5.85
CA PHE B 40 21.90 -18.04 5.35
C PHE B 40 21.63 -18.44 3.91
N PHE B 41 20.45 -19.02 3.68
CA PHE B 41 19.97 -19.25 2.31
C PHE B 41 19.62 -17.91 1.69
N THR B 42 20.23 -17.60 0.54
CA THR B 42 20.01 -16.32 -0.10
C THR B 42 18.64 -16.24 -0.77
N GLY B 43 17.92 -17.35 -0.77
CA GLY B 43 16.58 -17.39 -1.32
C GLY B 43 15.50 -17.32 -0.25
N ASP B 44 15.91 -17.01 0.98
CA ASP B 44 14.98 -16.95 2.10
C ASP B 44 15.09 -15.67 2.92
N ALA B 45 14.18 -15.51 3.87
CA ALA B 45 14.21 -14.39 4.80
C ALA B 45 14.28 -14.93 6.22
N TYR B 46 14.94 -14.20 7.11
CA TYR B 46 15.14 -14.66 8.47
C TYR B 46 14.75 -13.59 9.49
N VAL B 47 14.42 -14.04 10.70
CA VAL B 47 14.19 -13.13 11.81
C VAL B 47 15.18 -13.46 12.93
N ILE B 48 15.90 -12.44 13.40
CA ILE B 48 16.96 -12.64 14.38
C ILE B 48 16.76 -11.78 15.63
N LEU B 49 16.74 -12.42 16.79
CA LEU B 49 16.63 -11.70 18.06
C LEU B 49 17.90 -11.82 18.89
N LYS B 50 18.50 -10.67 19.19
CA LYS B 50 19.69 -10.64 20.04
C LYS B 50 19.35 -10.08 21.41
N THR B 51 19.48 -10.92 22.44
CA THR B 51 19.13 -10.52 23.79
C THR B 51 20.36 -10.25 24.65
N VAL B 52 20.41 -9.07 25.25
CA VAL B 52 21.54 -8.66 26.08
C VAL B 52 21.08 -8.24 27.48
N GLN B 53 21.78 -8.71 28.50
CA GLN B 53 21.47 -8.34 29.87
C GLN B 53 21.95 -6.92 30.16
N LEU B 54 21.04 -6.04 30.57
CA LEU B 54 21.43 -4.70 30.98
C LEU B 54 22.15 -4.73 32.32
N ARG B 55 22.82 -3.64 32.67
CA ARG B 55 23.56 -3.56 33.92
C ARG B 55 22.64 -3.27 35.10
N ASN B 56 21.35 -3.56 34.94
CA ASN B 56 20.37 -3.24 35.96
C ASN B 56 19.24 -4.27 36.11
N GLY B 57 19.43 -5.44 35.50
CA GLY B 57 18.48 -6.53 35.64
C GLY B 57 17.58 -6.77 34.45
N ASN B 58 17.27 -5.71 33.71
CA ASN B 58 16.40 -5.81 32.54
C ASN B 58 17.13 -6.37 31.32
N LEU B 59 16.35 -6.81 30.33
CA LEU B 59 16.92 -7.37 29.11
C LEU B 59 16.86 -6.38 27.94
N GLN B 60 17.88 -6.41 27.09
CA GLN B 60 17.95 -5.55 25.92
C GLN B 60 17.59 -6.37 24.68
N TYR B 61 16.80 -5.77 23.80
CA TYR B 61 16.31 -6.50 22.62
C TYR B 61 16.63 -5.78 21.31
N ASP B 62 17.28 -6.50 20.39
CA ASP B 62 17.51 -6.01 19.04
C ASP B 62 16.97 -7.00 18.02
N LEU B 63 15.98 -6.57 17.24
CA LEU B 63 15.37 -7.43 16.23
C LEU B 63 15.91 -7.14 14.83
N HIS B 64 16.48 -8.17 14.20
CA HIS B 64 17.02 -8.05 12.86
C HIS B 64 16.29 -9.00 11.91
N TYR B 65 15.66 -8.45 10.88
CA TYR B 65 15.12 -9.29 9.81
C TYR B 65 16.02 -9.21 8.59
N TRP B 66 16.48 -10.37 8.14
CA TRP B 66 17.47 -10.46 7.07
C TRP B 66 16.83 -10.94 5.78
N LEU B 67 17.06 -10.20 4.70
CA LEU B 67 16.41 -10.48 3.42
C LEU B 67 17.40 -10.94 2.37
N GLY B 68 17.28 -12.21 1.97
CA GLY B 68 18.10 -12.75 0.90
C GLY B 68 17.73 -12.12 -0.43
N ASN B 69 18.68 -12.07 -1.35
CA ASN B 69 18.47 -11.41 -2.64
C ASN B 69 17.48 -12.15 -3.55
N GLU B 70 17.25 -13.43 -3.27
CA GLU B 70 16.33 -14.22 -4.09
C GLU B 70 15.09 -14.69 -3.34
N CYS B 71 14.86 -14.15 -2.15
CA CYS B 71 13.66 -14.51 -1.41
C CYS B 71 12.43 -13.90 -2.07
N SER B 72 11.30 -14.57 -1.95
CA SER B 72 10.06 -14.12 -2.59
C SER B 72 9.35 -13.07 -1.73
N GLN B 73 8.38 -12.39 -2.34
CA GLN B 73 7.68 -11.29 -1.68
C GLN B 73 6.96 -11.70 -0.40
N ASP B 74 6.38 -12.90 -0.40
CA ASP B 74 5.68 -13.39 0.78
C ASP B 74 6.66 -13.59 1.95
N GLU B 75 7.87 -14.03 1.65
CA GLU B 75 8.88 -14.28 2.66
C GLU B 75 9.43 -12.99 3.28
N SER B 76 9.78 -12.03 2.44
CA SER B 76 10.27 -10.74 2.91
C SER B 76 9.18 -9.96 3.64
N GLY B 77 7.96 -10.04 3.12
CA GLY B 77 6.81 -9.42 3.77
C GLY B 77 6.53 -10.02 5.14
N ALA B 78 6.54 -11.34 5.21
CA ALA B 78 6.28 -12.04 6.47
C ALA B 78 7.36 -11.74 7.51
N ALA B 79 8.61 -11.65 7.05
CA ALA B 79 9.73 -11.40 7.94
C ALA B 79 9.58 -10.06 8.63
N ALA B 80 9.10 -9.07 7.90
CA ALA B 80 8.90 -7.73 8.45
C ALA B 80 7.72 -7.72 9.41
N ILE B 81 6.65 -8.41 9.05
CA ILE B 81 5.47 -8.48 9.90
C ILE B 81 5.75 -9.24 11.20
N PHE B 82 6.42 -10.39 11.07
CA PHE B 82 6.84 -11.18 12.22
C PHE B 82 7.69 -10.34 13.18
N THR B 83 8.49 -9.44 12.61
CA THR B 83 9.36 -8.57 13.40
C THR B 83 8.55 -7.63 14.28
N VAL B 84 7.53 -7.02 13.69
CA VAL B 84 6.65 -6.10 14.43
C VAL B 84 5.87 -6.87 15.50
N GLN B 85 5.35 -8.02 15.12
CA GLN B 85 4.57 -8.85 16.04
C GLN B 85 5.41 -9.36 17.21
N LEU B 86 6.65 -9.72 16.92
CA LEU B 86 7.56 -10.17 17.98
C LEU B 86 7.95 -8.99 18.86
N ASP B 87 8.05 -7.81 18.27
CA ASP B 87 8.34 -6.60 19.04
C ASP B 87 7.16 -6.23 19.92
N ASP B 88 5.95 -6.46 19.42
CA ASP B 88 4.74 -6.24 20.20
C ASP B 88 4.72 -7.18 21.41
N TYR B 89 5.09 -8.43 21.18
CA TYR B 89 5.16 -9.43 22.23
C TYR B 89 6.14 -9.00 23.32
N LEU B 90 7.21 -8.34 22.91
CA LEU B 90 8.24 -7.86 23.84
C LEU B 90 7.92 -6.45 24.32
N ASN B 91 6.65 -6.08 24.29
CA ASN B 91 6.19 -4.77 24.74
C ASN B 91 6.85 -3.59 24.04
N GLY B 92 7.16 -3.76 22.76
CA GLY B 92 7.73 -2.69 21.95
C GLY B 92 9.12 -2.25 22.38
N ARG B 93 9.77 -3.06 23.20
CA ARG B 93 11.07 -2.70 23.77
C ARG B 93 12.26 -3.09 22.88
N ALA B 94 11.97 -3.66 21.72
CA ALA B 94 13.02 -4.06 20.79
C ALA B 94 13.28 -3.00 19.74
N VAL B 95 14.55 -2.84 19.37
CA VAL B 95 14.91 -1.98 18.25
C VAL B 95 14.96 -2.81 16.98
N GLN B 96 14.24 -2.38 15.95
CA GLN B 96 14.14 -3.15 14.72
C GLN B 96 15.19 -2.73 13.69
N HIS B 97 15.74 -3.72 12.99
CA HIS B 97 16.77 -3.46 11.98
C HIS B 97 16.47 -4.24 10.71
N ARG B 98 16.49 -3.55 9.57
CA ARG B 98 16.34 -4.22 8.28
C ARG B 98 17.72 -4.55 7.71
N GLU B 99 17.96 -5.83 7.46
CA GLU B 99 19.26 -6.27 6.97
C GLU B 99 19.16 -6.82 5.55
N VAL B 100 19.94 -6.24 4.64
CA VAL B 100 19.97 -6.69 3.26
C VAL B 100 21.25 -7.49 3.01
N GLN B 101 21.16 -8.53 2.17
CA GLN B 101 22.29 -9.37 1.83
C GLN B 101 23.47 -8.55 1.29
N GLY B 102 24.63 -8.70 1.93
CA GLY B 102 25.83 -8.01 1.50
C GLY B 102 25.93 -6.58 2.03
N PHE B 103 24.87 -6.12 2.68
CA PHE B 103 24.83 -4.77 3.22
C PHE B 103 24.45 -4.78 4.70
N GLU B 104 24.71 -5.88 5.38
CA GLU B 104 24.35 -6.02 6.78
C GLU B 104 25.08 -5.03 7.66
N SER B 105 24.42 -4.58 8.72
CA SER B 105 25.01 -3.65 9.67
C SER B 105 26.16 -4.32 10.42
N SER B 106 27.05 -3.50 10.97
CA SER B 106 28.21 -4.01 11.70
C SER B 106 27.77 -4.80 12.92
N THR B 107 26.69 -4.34 13.55
CA THR B 107 26.13 -5.02 14.72
C THR B 107 25.66 -6.43 14.38
N PHE B 108 24.88 -6.53 13.32
CA PHE B 108 24.38 -7.83 12.86
C PHE B 108 25.53 -8.76 12.46
N SER B 109 26.53 -8.21 11.78
CA SER B 109 27.69 -8.98 11.38
C SER B 109 28.50 -9.46 12.58
N GLY B 110 28.55 -8.63 13.62
CA GLY B 110 29.31 -8.95 14.82
C GLY B 110 28.72 -10.09 15.63
N TYR B 111 27.47 -10.45 15.33
CA TYR B 111 26.81 -11.54 16.04
C TYR B 111 27.45 -12.88 15.69
N PHE B 112 28.09 -12.93 14.53
CA PHE B 112 28.65 -14.19 14.02
C PHE B 112 30.18 -14.11 13.99
N LYS B 113 30.81 -14.83 14.91
CA LYS B 113 32.25 -14.74 15.13
C LYS B 113 33.09 -15.06 13.90
N SER B 114 32.68 -16.06 13.14
CA SER B 114 33.41 -16.45 11.94
C SER B 114 32.86 -15.77 10.69
N GLY B 115 31.94 -14.83 10.89
CA GLY B 115 31.39 -14.05 9.80
C GLY B 115 30.22 -14.71 9.11
N LEU B 116 29.45 -13.91 8.37
CA LEU B 116 28.28 -14.40 7.65
C LEU B 116 28.67 -15.31 6.49
N LYS B 117 27.94 -16.41 6.34
CA LYS B 117 28.08 -17.27 5.17
C LYS B 117 26.81 -17.20 4.35
N TYR B 118 26.92 -17.50 3.06
CA TYR B 118 25.75 -17.50 2.18
C TYR B 118 25.72 -18.76 1.33
N LYS B 119 24.52 -19.21 0.99
CA LYS B 119 24.35 -20.38 0.13
C LYS B 119 23.06 -20.27 -0.67
N LYS B 120 23.11 -20.76 -1.91
CA LYS B 120 21.98 -20.66 -2.83
C LYS B 120 20.82 -21.55 -2.41
N GLY B 121 19.63 -21.24 -2.92
CA GLY B 121 18.45 -22.05 -2.66
C GLY B 121 17.66 -21.60 -1.45
N GLY B 122 16.86 -22.53 -0.91
CA GLY B 122 16.03 -22.24 0.25
C GLY B 122 14.65 -22.85 0.13
N VAL B 123 13.79 -22.54 1.09
CA VAL B 123 12.42 -23.04 1.08
C VAL B 123 11.59 -22.32 0.01
N ALA B 124 10.70 -23.05 -0.65
CA ALA B 124 9.87 -22.48 -1.72
C ALA B 124 8.90 -21.43 -1.19
N SER B 125 8.43 -20.59 -2.10
CA SER B 125 7.50 -19.52 -1.75
C SER B 125 6.17 -20.08 -1.26
N GLY B 126 5.52 -19.33 -0.35
CA GLY B 126 4.22 -19.71 0.16
C GLY B 126 3.12 -19.42 -0.84
N PHE B 127 3.39 -18.53 -1.78
CA PHE B 127 2.44 -18.19 -2.83
C PHE B 127 2.22 -19.36 -3.79
PG ATP C . -8.17 5.81 -3.22
O1G ATP C . -9.29 5.53 -2.24
O2G ATP C . -7.96 7.26 -3.53
O3G ATP C . -6.91 5.02 -2.94
PB ATP C . -8.33 3.66 -5.06
O1B ATP C . -9.40 3.18 -6.02
O2B ATP C . -8.03 2.86 -3.81
O3B ATP C . -8.69 5.17 -4.62
PA ATP C . -6.19 2.81 -6.73
O1A ATP C . -4.85 2.59 -6.07
O2A ATP C . -7.11 1.64 -6.94
O3A ATP C . -6.97 3.93 -5.86
O5' ATP C . -5.94 3.58 -8.13
C5' ATP C . -7.02 4.16 -8.87
C4' ATP C . -6.46 5.28 -9.74
O4' ATP C . -5.20 4.92 -10.28
C3' ATP C . -7.38 5.61 -10.91
O3' ATP C . -7.77 6.99 -10.84
C2' ATP C . -6.53 5.39 -12.15
O2' ATP C . -6.71 6.47 -13.08
C1' ATP C . -5.11 5.36 -11.63
N9 ATP C . -4.26 4.45 -12.43
C8 ATP C . -4.39 3.12 -12.54
N7 ATP C . -3.44 2.60 -13.35
C5 ATP C . -2.68 3.62 -13.79
C6 ATP C . -1.50 3.78 -14.69
N6 ATP C . -0.93 2.72 -15.30
N1 ATP C . -1.03 5.03 -14.88
C2 ATP C . -1.58 6.10 -14.28
N3 ATP C . -2.65 6.03 -13.46
C4 ATP C . -3.23 4.84 -13.19
S SO4 D . -6.71 23.33 -2.02
O1 SO4 D . -7.42 22.07 -1.87
O2 SO4 D . -7.41 24.18 -2.97
O3 SO4 D . -6.65 24.01 -0.72
O4 SO4 D . -5.34 23.06 -2.49
S SO4 E . 10.41 5.09 -12.52
O1 SO4 E . 11.28 6.24 -12.31
O2 SO4 E . 10.10 4.95 -13.94
O3 SO4 E . 11.08 3.87 -12.05
O4 SO4 E . 9.17 5.27 -11.76
NA NA F . 17.78 2.92 5.57
CA CA G . -6.66 2.90 -1.91
P PO4 H . 16.54 -2.52 -0.81
O1 PO4 H . 17.40 -1.84 0.23
O2 PO4 H . 15.23 -1.78 -0.95
O3 PO4 H . 17.27 -2.53 -2.14
O4 PO4 H . 16.26 -3.94 -0.38
CA CA I . 10.19 -1.19 19.27
CA CA J . 12.49 -18.82 -0.33
#